data_3QO1
#
_entry.id   3QO1
#
_cell.length_a   53.297
_cell.length_b   67.214
_cell.length_c   68.952
_cell.angle_alpha   90.000
_cell.angle_beta   103.390
_cell.angle_gamma   90.000
#
_symmetry.space_group_name_H-M   'P 1 21 1'
#
loop_
_entity.id
_entity.type
_entity.pdbx_description
1 polymer 'Fab fragment of IMMUNOGLOBULIN G1 LIGHT CHAIN'
2 polymer 'Fab fragment of IMMUNOGLOBULIN G1 HEAVY CHAIN'
3 non-polymer GLYCEROL
4 water water
#
loop_
_entity_poly.entity_id
_entity_poly.type
_entity_poly.pdbx_seq_one_letter_code
_entity_poly.pdbx_strand_id
1 'polypeptide(L)'
;DIVMTQSPLSLSVTPGEPASISCRSSQSLLRRDGHNDLEWYLQKPGQSPQPLIYLGSTRASGVPDRFSGSGSGTDFTLKI
IRVEAEDAGTYYCMQNKQTPLTFGQGTRLEIKRTVAAPSVFIFPPSDEQLKSGTASVVCLLNNFYPREAKVQWKVDNALQ
SGNSQESVTEQDSKDSTYSLSSTLTLSKADYEKHKVYACEVTHQGLSSPVTKSFNRGEC
;
A
2 'polypeptide(L)'
;EVQLVESGGGLVQPGGSLKLSCAASGFTLSGSNVHWVRQASGKGLEWVGRIKRNAESDATAYAASMRGRLTISRDDSKNT
AFLQMNSLKSDDTAMYYCVIRGDVYNRQWGQGTLVTVSSASTKGPSVFPLAPSSKSTSGGTAALGCLVKDYFPEPVTVSW
NSGALTSGVHTFPAVLQSSGLYSLSSVVTVPSSSLGTQTYICNVNHKPSNTKVDKRVEPK
;
B
#
# COMPACT_ATOMS: atom_id res chain seq x y z
N ASP A 1 13.40 12.57 23.21
CA ASP A 1 13.78 12.53 21.79
C ASP A 1 13.28 13.79 21.09
N ILE A 2 13.86 14.13 19.91
CA ILE A 2 13.49 15.28 19.08
C ILE A 2 12.09 15.05 18.45
N VAL A 3 11.12 15.90 18.79
CA VAL A 3 9.75 15.75 18.28
C VAL A 3 9.63 16.52 16.95
N MET A 4 9.07 15.86 15.92
CA MET A 4 8.88 16.50 14.62
C MET A 4 7.39 16.70 14.44
N THR A 5 6.99 17.96 14.21
CA THR A 5 5.60 18.35 14.04
C THR A 5 5.35 18.87 12.65
N GLN A 6 4.58 18.11 11.89
CA GLN A 6 4.23 18.47 10.53
C GLN A 6 2.90 19.14 10.49
N SER A 7 2.79 20.09 9.56
CA SER A 7 1.60 20.89 9.32
C SER A 7 1.50 21.21 7.82
N PRO A 8 0.34 20.99 7.15
CA PRO A 8 -0.90 20.39 7.69
C PRO A 8 -0.74 18.84 7.66
N LEU A 9 -1.73 18.09 8.15
CA LEU A 9 -1.71 16.61 8.12
C LEU A 9 -2.20 16.09 6.75
N SER A 10 -2.89 16.93 6.02
CA SER A 10 -3.37 16.67 4.65
C SER A 10 -3.72 17.95 3.94
N LEU A 11 -3.56 17.94 2.64
CA LEU A 11 -3.90 19.07 1.76
C LEU A 11 -4.25 18.56 0.37
N SER A 12 -5.04 19.35 -0.34
CA SER A 12 -5.60 19.06 -1.66
C SER A 12 -5.20 20.19 -2.57
N VAL A 13 -4.38 19.87 -3.57
CA VAL A 13 -3.84 20.82 -4.53
C VAL A 13 -4.14 20.37 -5.97
N THR A 14 -4.68 21.29 -6.76
CA THR A 14 -4.93 21.04 -8.19
C THR A 14 -3.61 21.13 -9.00
N PRO A 15 -3.26 20.18 -9.91
CA PRO A 15 -1.97 20.29 -10.63
C PRO A 15 -1.72 21.63 -11.27
N GLY A 16 -0.48 22.09 -11.16
CA GLY A 16 0.03 23.36 -11.70
C GLY A 16 0.12 24.44 -10.66
N GLU A 17 -0.58 24.24 -9.52
CA GLU A 17 -0.66 25.10 -8.34
C GLU A 17 0.39 24.70 -7.26
N PRO A 18 0.82 25.63 -6.38
CA PRO A 18 1.85 25.25 -5.38
C PRO A 18 1.34 24.54 -4.12
N ALA A 19 2.24 23.79 -3.47
CA ALA A 19 1.96 23.09 -2.22
C ALA A 19 3.07 23.41 -1.23
N SER A 20 2.70 23.61 0.04
CA SER A 20 3.67 23.90 1.08
C SER A 20 3.41 23.03 2.28
N ILE A 21 4.49 22.54 2.89
CA ILE A 21 4.42 21.68 4.07
C ILE A 21 5.41 22.19 5.11
N SER A 22 4.91 22.46 6.31
CA SER A 22 5.72 22.92 7.42
C SER A 22 6.19 21.76 8.33
N CYS A 23 7.41 21.87 8.82
CA CYS A 23 7.97 20.91 9.76
C CYS A 23 8.59 21.70 10.90
N ARG A 24 8.20 21.38 12.13
CA ARG A 24 8.74 22.04 13.33
C ARG A 24 9.50 21.00 14.18
N SER A 25 10.76 21.31 14.50
CA SER A 25 11.64 20.47 15.32
C SER A 25 11.63 20.93 16.78
N SER A 26 11.58 19.97 17.74
CA SER A 26 11.59 20.33 19.18
C SER A 26 13.00 20.70 19.66
N GLN A 27 14.02 20.38 18.86
CA GLN A 27 15.40 20.72 19.16
C GLN A 27 16.08 21.39 17.94
N SER A 28 17.17 22.16 18.14
CA SER A 28 17.87 22.81 17.03
C SER A 28 18.50 21.78 16.15
N LEU A 29 18.24 21.87 14.83
CA LEU A 29 18.80 20.94 13.86
C LEU A 29 19.99 21.57 13.09
N LEU A 30 20.33 22.84 13.42
CA LEU A 30 21.40 23.60 12.80
C LEU A 30 22.81 23.03 13.09
N ARG A 31 23.59 22.89 12.01
CA ARG A 31 24.95 22.36 11.93
C ARG A 31 25.99 23.47 11.85
N ARG A 32 27.26 23.17 12.23
CA ARG A 32 28.39 24.11 12.19
C ARG A 32 28.59 24.70 10.79
N ASP A 33 28.44 23.86 9.74
CA ASP A 33 28.58 24.23 8.32
C ASP A 33 27.45 25.10 7.70
N GLY A 34 26.41 25.41 8.48
CA GLY A 34 25.30 26.25 8.01
C GLY A 34 24.09 25.51 7.52
N HIS A 35 24.23 24.17 7.30
CA HIS A 35 23.12 23.34 6.89
C HIS A 35 22.38 22.90 8.16
N ASN A 36 21.31 22.10 7.97
CA ASN A 36 20.46 21.57 9.03
C ASN A 36 20.31 20.08 8.86
N ASP A 37 20.18 19.36 9.98
CA ASP A 37 20.03 17.92 9.99
C ASP A 37 18.57 17.58 9.85
N LEU A 38 18.01 17.93 8.69
CA LEU A 38 16.60 17.80 8.31
C LEU A 38 16.47 17.29 6.87
N GLU A 39 15.65 16.24 6.70
CA GLU A 39 15.34 15.56 5.44
C GLU A 39 13.84 15.49 5.14
N TRP A 40 13.50 15.32 3.87
CA TRP A 40 12.11 15.14 3.40
C TRP A 40 12.04 13.92 2.52
N TYR A 41 11.09 13.05 2.83
CA TYR A 41 10.81 11.84 2.07
C TYR A 41 9.38 11.93 1.55
N LEU A 42 9.11 11.27 0.43
CA LEU A 42 7.80 11.08 -0.15
C LEU A 42 7.57 9.56 -0.26
N GLN A 43 6.38 9.09 0.15
CA GLN A 43 5.96 7.72 -0.03
C GLN A 43 4.75 7.74 -0.96
N LYS A 44 4.97 7.30 -2.20
CA LYS A 44 3.91 7.18 -3.21
C LYS A 44 3.11 5.90 -2.87
N PRO A 45 1.81 5.79 -3.29
CA PRO A 45 1.05 4.58 -2.96
C PRO A 45 1.75 3.30 -3.42
N GLY A 46 1.76 2.28 -2.54
CA GLY A 46 2.36 0.98 -2.84
C GLY A 46 3.88 0.90 -2.89
N GLN A 47 4.60 1.99 -2.54
CA GLN A 47 6.06 2.07 -2.60
C GLN A 47 6.72 2.34 -1.23
N SER A 48 8.05 2.23 -1.17
CA SER A 48 8.87 2.56 -0.01
C SER A 48 9.06 4.11 0.00
N PRO A 49 9.42 4.75 1.15
CA PRO A 49 9.73 6.18 1.11
C PRO A 49 10.94 6.47 0.21
N GLN A 50 10.96 7.67 -0.37
CA GLN A 50 12.02 8.04 -1.30
C GLN A 50 12.55 9.42 -0.92
N PRO A 51 13.89 9.60 -0.96
CA PRO A 51 14.47 10.90 -0.57
C PRO A 51 14.15 12.05 -1.53
N LEU A 52 13.82 13.23 -0.95
CA LEU A 52 13.54 14.44 -1.74
C LEU A 52 14.55 15.50 -1.42
N ILE A 53 14.66 15.85 -0.12
CA ILE A 53 15.56 16.89 0.38
C ILE A 53 16.40 16.34 1.56
N TYR A 54 17.70 16.68 1.60
CA TYR A 54 18.61 16.34 2.71
C TYR A 54 19.39 17.57 3.08
N LEU A 55 20.02 17.58 4.27
CA LEU A 55 20.78 18.74 4.78
C LEU A 55 19.94 20.05 4.77
N GLY A 56 18.62 19.90 4.91
CA GLY A 56 17.64 20.98 4.98
C GLY A 56 17.13 21.50 3.66
N SER A 57 17.98 21.59 2.65
CA SER A 57 17.68 22.24 1.39
C SER A 57 18.33 21.63 0.13
N THR A 58 19.10 20.55 0.28
CA THR A 58 19.77 19.90 -0.85
C THR A 58 18.87 18.88 -1.50
N ARG A 59 18.62 19.01 -2.81
CA ARG A 59 17.79 18.05 -3.53
C ARG A 59 18.55 16.72 -3.72
N ALA A 60 17.85 15.58 -3.49
CA ALA A 60 18.36 14.24 -3.69
C ALA A 60 18.54 14.03 -5.18
N SER A 61 19.45 13.11 -5.61
CA SER A 61 19.63 12.86 -7.05
C SER A 61 18.32 12.45 -7.77
N GLY A 62 18.07 13.09 -8.90
CA GLY A 62 16.87 12.86 -9.69
C GLY A 62 15.66 13.69 -9.32
N VAL A 63 15.73 14.43 -8.19
CA VAL A 63 14.59 15.24 -7.72
C VAL A 63 14.58 16.60 -8.41
N PRO A 64 13.51 16.92 -9.20
CA PRO A 64 13.49 18.18 -9.95
C PRO A 64 13.38 19.48 -9.12
N ASP A 65 13.72 20.58 -9.82
CA ASP A 65 13.73 22.00 -9.40
C ASP A 65 12.49 22.43 -8.60
N ARG A 66 11.30 21.97 -9.02
CA ARG A 66 9.98 22.28 -8.44
C ARG A 66 9.84 21.97 -6.93
N PHE A 67 10.72 21.11 -6.37
CA PHE A 67 10.77 20.76 -4.95
C PHE A 67 11.91 21.54 -4.32
N SER A 68 11.60 22.22 -3.23
CA SER A 68 12.63 22.92 -2.47
C SER A 68 12.42 22.71 -0.99
N GLY A 69 13.51 22.62 -0.26
CA GLY A 69 13.50 22.54 1.20
C GLY A 69 14.10 23.84 1.67
N SER A 70 13.52 24.46 2.72
CA SER A 70 13.99 25.72 3.31
C SER A 70 13.65 25.80 4.81
N GLY A 71 14.21 26.80 5.48
CA GLY A 71 14.05 27.00 6.91
C GLY A 71 15.37 26.73 7.61
N SER A 72 15.44 27.08 8.91
CA SER A 72 16.67 26.86 9.70
C SER A 72 16.42 26.65 11.19
N GLY A 73 17.31 25.86 11.79
CA GLY A 73 17.24 25.58 13.21
C GLY A 73 16.09 24.71 13.63
N THR A 74 14.88 25.27 13.73
CA THR A 74 13.70 24.53 14.16
C THR A 74 12.52 24.51 13.21
N ASP A 75 12.37 25.54 12.37
CA ASP A 75 11.23 25.74 11.46
C ASP A 75 11.59 25.51 9.98
N PHE A 76 11.02 24.46 9.37
CA PHE A 76 11.29 24.01 8.00
C PHE A 76 10.07 23.97 7.06
N THR A 77 10.31 24.23 5.79
CA THR A 77 9.24 24.19 4.79
C THR A 77 9.65 23.37 3.57
N LEU A 78 8.77 22.46 3.12
CA LEU A 78 8.95 21.75 1.85
C LEU A 78 7.99 22.44 0.91
N LYS A 79 8.49 22.95 -0.22
CA LYS A 79 7.65 23.58 -1.23
C LYS A 79 7.67 22.75 -2.48
N ILE A 80 6.49 22.62 -3.12
CA ILE A 80 6.27 22.03 -4.45
C ILE A 80 5.66 23.16 -5.21
N ILE A 81 6.50 23.87 -5.97
CA ILE A 81 6.23 25.07 -6.78
C ILE A 81 5.08 24.86 -7.79
N ARG A 82 5.06 23.71 -8.46
CA ARG A 82 3.97 23.30 -9.33
C ARG A 82 3.71 21.81 -9.13
N VAL A 83 2.55 21.48 -8.59
CA VAL A 83 2.15 20.10 -8.28
C VAL A 83 1.74 19.35 -9.53
N GLU A 84 2.11 18.06 -9.61
CA GLU A 84 1.76 17.15 -10.72
C GLU A 84 1.01 15.96 -10.11
N ALA A 85 0.23 15.25 -10.96
CA ALA A 85 -0.52 14.05 -10.57
C ALA A 85 0.39 13.06 -9.84
N GLU A 86 1.63 12.87 -10.34
CA GLU A 86 2.61 11.91 -9.80
C GLU A 86 3.07 12.16 -8.36
N ASP A 87 2.89 13.39 -7.86
CA ASP A 87 3.22 13.85 -6.51
C ASP A 87 2.27 13.32 -5.41
N ALA A 88 1.17 12.64 -5.80
CA ALA A 88 0.21 12.05 -4.87
C ALA A 88 0.98 11.06 -3.98
N GLY A 89 0.83 11.26 -2.68
CA GLY A 89 1.49 10.43 -1.67
C GLY A 89 1.55 11.08 -0.32
N THR A 90 2.36 10.50 0.55
CA THR A 90 2.55 11.02 1.90
C THR A 90 3.98 11.54 2.05
N TYR A 91 4.08 12.81 2.47
CA TYR A 91 5.35 13.50 2.69
C TYR A 91 5.71 13.48 4.15
N TYR A 92 6.98 13.18 4.45
CA TYR A 92 7.51 13.08 5.80
C TYR A 92 8.78 13.87 5.99
N CYS A 93 8.87 14.62 7.07
CA CYS A 93 10.13 15.23 7.46
C CYS A 93 10.79 14.30 8.51
N MET A 94 12.12 14.28 8.54
CA MET A 94 12.89 13.47 9.46
C MET A 94 14.16 14.22 9.91
N GLN A 95 14.55 14.02 11.17
CA GLN A 95 15.76 14.58 11.72
C GLN A 95 16.82 13.49 11.79
N ASN A 96 18.05 13.86 11.49
CA ASN A 96 19.19 12.95 11.53
C ASN A 96 20.32 13.58 12.37
N LYS A 97 19.99 14.54 13.27
CA LYS A 97 20.96 15.21 14.14
C LYS A 97 21.52 14.19 15.13
N GLN A 98 20.61 13.41 15.76
CA GLN A 98 20.88 12.39 16.75
C GLN A 98 19.87 11.24 16.71
N THR A 99 20.22 10.14 17.41
CA THR A 99 19.43 8.93 17.55
C THR A 99 18.57 9.02 18.79
N PRO A 100 17.32 8.50 18.77
CA PRO A 100 16.63 7.88 17.62
C PRO A 100 16.37 8.86 16.50
N LEU A 101 16.41 8.39 15.25
CA LEU A 101 16.05 9.23 14.12
C LEU A 101 14.52 9.31 14.26
N THR A 102 13.97 10.54 14.18
CA THR A 102 12.53 10.71 14.35
C THR A 102 11.92 11.39 13.18
N PHE A 103 10.66 11.05 12.91
CA PHE A 103 9.87 11.51 11.80
C PHE A 103 8.65 12.30 12.25
N GLY A 104 8.13 13.12 11.35
CA GLY A 104 6.88 13.85 11.52
C GLY A 104 5.75 12.87 11.25
N GLN A 105 4.50 13.24 11.60
CA GLN A 105 3.31 12.36 11.47
C GLN A 105 3.01 11.86 10.03
N GLY A 106 3.43 12.65 9.04
CA GLY A 106 3.19 12.45 7.63
C GLY A 106 2.13 13.41 7.15
N THR A 107 2.31 13.96 5.93
CA THR A 107 1.34 14.88 5.32
C THR A 107 0.81 14.23 4.04
N ARG A 108 -0.48 13.96 4.00
CA ARG A 108 -1.07 13.31 2.84
C ARG A 108 -1.42 14.33 1.77
N LEU A 109 -0.74 14.30 0.61
CA LEU A 109 -1.06 15.19 -0.50
C LEU A 109 -2.01 14.58 -1.51
N GLU A 110 -3.23 15.14 -1.59
CA GLU A 110 -4.26 14.79 -2.55
C GLU A 110 -4.19 15.70 -3.77
N ILE A 111 -4.22 15.11 -4.96
CA ILE A 111 -4.26 15.84 -6.20
C ILE A 111 -5.72 16.11 -6.56
N LYS A 112 -6.08 17.39 -6.52
CA LYS A 112 -7.43 17.84 -6.82
C LYS A 112 -7.61 17.77 -8.31
N ARG A 113 -8.72 17.24 -8.75
CA ARG A 113 -9.01 17.11 -10.16
C ARG A 113 -10.50 17.33 -10.32
N THR A 114 -10.98 17.32 -11.57
CA THR A 114 -12.40 17.48 -11.92
C THR A 114 -13.22 16.26 -11.43
N VAL A 115 -14.45 16.50 -10.95
CA VAL A 115 -15.37 15.47 -10.47
C VAL A 115 -15.58 14.42 -11.58
N ALA A 116 -15.32 13.15 -11.27
CA ALA A 116 -15.52 12.03 -12.19
C ALA A 116 -16.42 11.05 -11.52
N ALA A 117 -17.58 10.81 -12.13
CA ALA A 117 -18.56 9.86 -11.65
C ALA A 117 -17.98 8.46 -11.87
N PRO A 118 -18.20 7.50 -10.95
CA PRO A 118 -17.64 6.15 -11.18
C PRO A 118 -18.37 5.37 -12.26
N SER A 119 -17.64 4.43 -12.89
CA SER A 119 -18.21 3.45 -13.79
C SER A 119 -18.55 2.31 -12.77
N VAL A 120 -19.81 1.80 -12.79
CA VAL A 120 -20.25 0.77 -11.84
C VAL A 120 -20.46 -0.60 -12.51
N PHE A 121 -19.91 -1.65 -11.92
CA PHE A 121 -19.95 -3.04 -12.42
C PHE A 121 -20.27 -3.99 -11.29
N ILE A 122 -21.10 -5.00 -11.57
CA ILE A 122 -21.52 -6.01 -10.61
C ILE A 122 -21.08 -7.45 -11.05
N PHE A 123 -20.59 -8.20 -10.08
CA PHE A 123 -20.10 -9.54 -10.29
C PHE A 123 -20.83 -10.52 -9.40
N PRO A 124 -21.69 -11.41 -9.94
CA PRO A 124 -22.31 -12.44 -9.10
C PRO A 124 -21.28 -13.39 -8.48
N PRO A 125 -21.63 -14.21 -7.47
CA PRO A 125 -20.67 -15.26 -7.07
C PRO A 125 -20.32 -16.17 -8.27
N SER A 126 -19.05 -16.58 -8.38
CA SER A 126 -18.64 -17.50 -9.44
C SER A 126 -19.17 -18.89 -9.11
N ASP A 127 -19.48 -19.66 -10.15
CA ASP A 127 -19.96 -21.04 -10.03
C ASP A 127 -18.96 -21.88 -9.22
N GLU A 128 -17.70 -21.59 -9.40
CA GLU A 128 -16.60 -22.26 -8.70
C GLU A 128 -16.55 -21.94 -7.20
N GLN A 129 -16.92 -20.71 -6.81
CA GLN A 129 -17.00 -20.36 -5.39
C GLN A 129 -18.20 -21.02 -4.76
N LEU A 130 -19.35 -21.01 -5.47
CA LEU A 130 -20.62 -21.63 -5.08
C LEU A 130 -20.41 -23.12 -4.89
N LYS A 131 -19.58 -23.75 -5.76
CA LYS A 131 -19.18 -25.15 -5.69
C LYS A 131 -18.40 -25.44 -4.39
N SER A 132 -17.59 -24.45 -3.91
CA SER A 132 -16.80 -24.55 -2.70
C SER A 132 -17.61 -24.32 -1.42
N GLY A 133 -18.87 -23.89 -1.57
CA GLY A 133 -19.78 -23.68 -0.44
C GLY A 133 -20.04 -22.26 0.02
N THR A 134 -19.35 -21.25 -0.58
CA THR A 134 -19.53 -19.84 -0.21
C THR A 134 -20.06 -18.97 -1.36
N ALA A 135 -20.48 -17.72 -1.04
CA ALA A 135 -20.99 -16.75 -2.01
C ALA A 135 -20.52 -15.35 -1.71
N SER A 136 -19.84 -14.70 -2.66
CA SER A 136 -19.39 -13.31 -2.53
C SER A 136 -19.89 -12.54 -3.73
N VAL A 137 -20.62 -11.43 -3.49
CA VAL A 137 -21.11 -10.59 -4.58
C VAL A 137 -20.22 -9.35 -4.57
N VAL A 138 -19.64 -9.00 -5.71
CA VAL A 138 -18.69 -7.89 -5.83
C VAL A 138 -19.23 -6.68 -6.63
N CYS A 139 -19.20 -5.51 -6.02
CA CYS A 139 -19.56 -4.27 -6.67
C CYS A 139 -18.34 -3.41 -6.85
N LEU A 140 -18.02 -3.09 -8.12
CA LEU A 140 -16.86 -2.28 -8.45
C LEU A 140 -17.32 -0.87 -8.83
N LEU A 141 -16.68 0.14 -8.25
CA LEU A 141 -16.90 1.55 -8.56
C LEU A 141 -15.52 1.97 -9.05
N ASN A 142 -15.41 2.19 -10.35
CA ASN A 142 -14.16 2.49 -11.00
C ASN A 142 -13.96 3.95 -11.36
N ASN A 143 -12.72 4.43 -11.13
CA ASN A 143 -12.16 5.74 -11.48
C ASN A 143 -13.04 6.96 -11.18
N PHE A 144 -13.25 7.21 -9.90
CA PHE A 144 -14.05 8.34 -9.47
C PHE A 144 -13.27 9.37 -8.61
N TYR A 145 -13.84 10.57 -8.51
CA TYR A 145 -13.34 11.69 -7.77
C TYR A 145 -14.51 12.60 -7.43
N PRO A 146 -14.66 13.13 -6.18
CA PRO A 146 -13.81 12.91 -4.97
C PRO A 146 -13.97 11.51 -4.36
N ARG A 147 -13.22 11.15 -3.30
CA ARG A 147 -13.29 9.79 -2.77
C ARG A 147 -14.59 9.37 -2.06
N GLU A 148 -15.37 10.37 -1.63
CA GLU A 148 -16.63 10.15 -0.92
C GLU A 148 -17.67 9.51 -1.86
N ALA A 149 -18.04 8.29 -1.53
CA ALA A 149 -18.99 7.49 -2.27
C ALA A 149 -19.75 6.63 -1.28
N LYS A 150 -21.02 6.33 -1.60
CA LYS A 150 -21.86 5.47 -0.77
C LYS A 150 -22.36 4.29 -1.59
N VAL A 151 -22.18 3.05 -1.08
CA VAL A 151 -22.70 1.84 -1.72
C VAL A 151 -23.73 1.18 -0.84
N GLN A 152 -24.91 1.01 -1.39
CA GLN A 152 -26.03 0.39 -0.69
C GLN A 152 -26.35 -0.93 -1.39
N TRP A 153 -26.39 -2.02 -0.61
CA TRP A 153 -26.71 -3.36 -1.10
C TRP A 153 -28.11 -3.73 -0.72
N LYS A 154 -28.80 -4.33 -1.66
CA LYS A 154 -30.17 -4.83 -1.49
C LYS A 154 -30.24 -6.23 -2.09
N VAL A 155 -30.91 -7.14 -1.37
CA VAL A 155 -31.16 -8.53 -1.82
C VAL A 155 -32.68 -8.69 -1.78
N ASP A 156 -33.33 -8.73 -2.96
CA ASP A 156 -34.79 -8.80 -3.10
C ASP A 156 -35.44 -7.66 -2.32
N ASN A 157 -34.86 -6.44 -2.47
CA ASN A 157 -35.34 -5.19 -1.85
C ASN A 157 -35.04 -5.05 -0.36
N ALA A 158 -34.31 -6.01 0.23
CA ALA A 158 -33.94 -5.95 1.64
C ALA A 158 -32.57 -5.32 1.73
N LEU A 159 -32.49 -4.21 2.44
CA LEU A 159 -31.24 -3.50 2.65
C LEU A 159 -30.34 -4.32 3.56
N GLN A 160 -29.09 -4.49 3.12
CA GLN A 160 -28.10 -5.26 3.81
C GLN A 160 -27.31 -4.36 4.71
N SER A 161 -27.21 -4.75 5.95
CA SER A 161 -26.49 -3.92 6.90
C SER A 161 -25.58 -4.78 7.76
N GLY A 162 -24.28 -4.61 7.56
CA GLY A 162 -23.25 -5.35 8.30
C GLY A 162 -22.66 -6.56 7.59
N ASN A 163 -23.06 -6.86 6.34
CA ASN A 163 -22.55 -8.07 5.65
C ASN A 163 -21.76 -7.83 4.40
N SER A 164 -21.23 -6.61 4.25
CA SER A 164 -20.36 -6.21 3.16
C SER A 164 -19.15 -5.51 3.73
N GLN A 165 -18.04 -5.51 2.96
CA GLN A 165 -16.79 -4.82 3.29
C GLN A 165 -16.29 -4.10 2.07
N GLU A 166 -15.82 -2.84 2.23
CA GLU A 166 -15.29 -2.07 1.11
C GLU A 166 -13.79 -1.92 1.22
N SER A 167 -13.18 -1.64 0.07
CA SER A 167 -11.75 -1.44 -0.07
C SER A 167 -11.60 -0.40 -1.13
N VAL A 168 -10.90 0.69 -0.80
CA VAL A 168 -10.64 1.82 -1.70
C VAL A 168 -9.15 1.82 -2.02
N THR A 169 -8.81 1.97 -3.30
CA THR A 169 -7.42 2.11 -3.74
C THR A 169 -6.95 3.54 -3.39
N GLU A 170 -5.63 3.73 -3.24
CA GLU A 170 -5.06 5.03 -3.01
C GLU A 170 -5.19 5.85 -4.31
N GLN A 171 -5.02 7.19 -4.22
CA GLN A 171 -5.17 8.03 -5.40
C GLN A 171 -4.20 7.63 -6.46
N ASP A 172 -4.75 7.41 -7.66
CA ASP A 172 -3.99 7.04 -8.85
C ASP A 172 -3.02 8.15 -9.25
N SER A 173 -1.74 7.76 -9.45
CA SER A 173 -0.61 8.64 -9.76
C SER A 173 -0.69 9.33 -11.15
N LYS A 174 -1.59 8.84 -12.01
CA LYS A 174 -1.76 9.30 -13.37
C LYS A 174 -2.99 10.14 -13.61
N ASP A 175 -4.17 9.62 -13.30
CA ASP A 175 -5.46 10.28 -13.58
C ASP A 175 -6.16 10.81 -12.34
N SER A 176 -5.52 10.72 -11.19
CA SER A 176 -5.97 11.22 -9.87
C SER A 176 -7.27 10.71 -9.29
N THR A 177 -7.74 9.57 -9.78
CA THR A 177 -9.00 8.94 -9.35
C THR A 177 -8.79 7.83 -8.33
N TYR A 178 -9.92 7.38 -7.72
CA TYR A 178 -10.00 6.30 -6.74
C TYR A 178 -10.89 5.24 -7.32
N SER A 179 -10.78 4.03 -6.79
CA SER A 179 -11.61 2.92 -7.19
C SER A 179 -12.03 2.24 -5.93
N LEU A 180 -13.24 1.72 -5.92
CA LEU A 180 -13.76 1.07 -4.74
C LEU A 180 -14.36 -0.29 -5.12
N SER A 181 -14.24 -1.25 -4.21
CA SER A 181 -14.86 -2.56 -4.33
C SER A 181 -15.64 -2.84 -3.06
N SER A 182 -16.94 -3.07 -3.18
CA SER A 182 -17.76 -3.52 -2.06
C SER A 182 -18.08 -5.01 -2.24
N THR A 183 -17.86 -5.81 -1.21
CA THR A 183 -18.13 -7.26 -1.29
C THR A 183 -19.23 -7.63 -0.37
N LEU A 184 -20.30 -8.22 -0.90
CA LEU A 184 -21.41 -8.72 -0.08
C LEU A 184 -21.14 -10.21 0.24
N THR A 185 -21.10 -10.57 1.51
CA THR A 185 -20.92 -11.96 1.95
C THR A 185 -22.26 -12.55 2.33
N LEU A 186 -22.56 -13.73 1.78
CA LEU A 186 -23.74 -14.53 2.14
C LEU A 186 -23.39 -15.99 2.08
N SER A 187 -24.16 -16.80 2.79
CA SER A 187 -24.01 -18.23 2.72
C SER A 187 -24.56 -18.65 1.34
N LYS A 188 -24.16 -19.84 0.87
CA LYS A 188 -24.68 -20.34 -0.40
C LYS A 188 -26.21 -20.50 -0.33
N ALA A 189 -26.73 -21.00 0.83
CA ALA A 189 -28.16 -21.23 1.06
C ALA A 189 -28.96 -19.93 0.90
N ASP A 190 -28.51 -18.86 1.52
CA ASP A 190 -29.17 -17.55 1.37
C ASP A 190 -29.05 -17.03 -0.05
N TYR A 191 -27.84 -17.14 -0.65
CA TYR A 191 -27.69 -16.73 -2.04
C TYR A 191 -28.71 -17.43 -2.91
N GLU A 192 -28.89 -18.78 -2.79
CA GLU A 192 -29.82 -19.55 -3.62
C GLU A 192 -31.30 -19.33 -3.36
N LYS A 193 -31.64 -18.77 -2.18
CA LYS A 193 -32.99 -18.41 -1.73
C LYS A 193 -33.49 -17.08 -2.37
N HIS A 194 -32.59 -16.21 -2.89
CA HIS A 194 -33.01 -14.92 -3.48
C HIS A 194 -32.64 -14.75 -4.93
N LYS A 195 -33.32 -13.80 -5.61
CA LYS A 195 -33.18 -13.52 -7.04
C LYS A 195 -32.42 -12.22 -7.35
N VAL A 196 -32.86 -11.08 -6.80
CA VAL A 196 -32.29 -9.77 -7.14
C VAL A 196 -31.22 -9.27 -6.15
N TYR A 197 -29.99 -9.09 -6.69
CA TYR A 197 -28.80 -8.56 -6.03
C TYR A 197 -28.52 -7.21 -6.65
N ALA A 198 -28.72 -6.17 -5.87
CA ALA A 198 -28.58 -4.80 -6.36
C ALA A 198 -27.59 -4.00 -5.53
N CYS A 199 -26.72 -3.28 -6.24
CA CYS A 199 -25.71 -2.40 -5.70
C CYS A 199 -26.12 -0.94 -6.09
N GLU A 200 -26.45 -0.11 -5.10
CA GLU A 200 -26.85 1.29 -5.35
C GLU A 200 -25.72 2.22 -4.94
N VAL A 201 -25.27 3.04 -5.90
CA VAL A 201 -24.13 3.92 -5.74
C VAL A 201 -24.51 5.42 -5.76
N THR A 202 -24.05 6.15 -4.73
CA THR A 202 -24.21 7.59 -4.55
C THR A 202 -22.81 8.25 -4.66
N HIS A 203 -22.71 9.29 -5.49
CA HIS A 203 -21.48 10.04 -5.73
C HIS A 203 -21.81 11.40 -6.32
N GLN A 204 -21.01 12.43 -5.99
CA GLN A 204 -21.14 13.82 -6.46
C GLN A 204 -21.33 13.96 -7.98
N GLY A 205 -20.63 13.09 -8.75
CA GLY A 205 -20.64 13.03 -10.21
C GLY A 205 -21.89 12.42 -10.82
N LEU A 206 -22.76 11.82 -9.98
CA LEU A 206 -24.02 11.24 -10.43
C LEU A 206 -25.14 12.17 -9.95
N SER A 207 -26.01 12.59 -10.89
CA SER A 207 -27.14 13.48 -10.64
C SER A 207 -28.20 12.80 -9.77
N SER A 208 -28.26 11.45 -9.87
CA SER A 208 -29.14 10.53 -9.16
C SER A 208 -28.34 9.26 -8.81
N PRO A 209 -28.67 8.50 -7.73
CA PRO A 209 -27.94 7.26 -7.45
C PRO A 209 -28.15 6.20 -8.51
N VAL A 210 -27.07 5.54 -8.91
CA VAL A 210 -26.99 4.49 -9.94
C VAL A 210 -27.11 3.10 -9.32
N THR A 211 -28.01 2.26 -9.86
CA THR A 211 -28.20 0.89 -9.40
C THR A 211 -27.73 -0.11 -10.45
N LYS A 212 -26.83 -1.04 -10.08
CA LYS A 212 -26.38 -2.11 -10.96
C LYS A 212 -26.85 -3.38 -10.27
N SER A 213 -27.61 -4.22 -10.98
CA SER A 213 -28.18 -5.42 -10.42
C SER A 213 -28.08 -6.62 -11.34
N PHE A 214 -28.37 -7.78 -10.80
CA PHE A 214 -28.47 -9.01 -11.54
C PHE A 214 -29.50 -9.90 -10.83
N ASN A 215 -30.13 -10.79 -11.60
CA ASN A 215 -31.06 -11.79 -11.09
C ASN A 215 -30.33 -13.10 -11.22
N ARG A 216 -30.37 -13.91 -10.14
CA ARG A 216 -29.76 -15.23 -10.05
C ARG A 216 -30.53 -16.14 -11.03
N GLY A 217 -29.79 -17.03 -11.73
CA GLY A 217 -30.34 -17.94 -12.74
C GLY A 217 -30.79 -17.20 -14.00
N GLU A 218 -30.34 -15.93 -14.12
CA GLU A 218 -30.58 -14.92 -15.14
C GLU A 218 -31.82 -14.02 -14.95
N CYS A 219 -32.98 -14.56 -14.54
CA CYS A 219 -34.18 -13.75 -14.25
C CYS A 219 -35.29 -14.53 -13.57
N VAL B 2 23.27 -1.90 -8.65
CA VAL B 2 22.86 -1.57 -7.28
C VAL B 2 21.45 -2.05 -6.99
N GLN B 3 21.32 -2.92 -5.97
CA GLN B 3 20.06 -3.50 -5.50
C GLN B 3 20.17 -3.81 -4.01
N LEU B 4 19.05 -3.72 -3.30
CA LEU B 4 18.94 -4.10 -1.89
C LEU B 4 17.92 -5.23 -1.85
N VAL B 5 18.33 -6.42 -1.38
CA VAL B 5 17.42 -7.56 -1.27
C VAL B 5 17.10 -7.79 0.22
N GLU B 6 15.82 -7.65 0.57
CA GLU B 6 15.27 -7.84 1.91
C GLU B 6 14.52 -9.17 2.03
N SER B 7 14.76 -9.87 3.14
CA SER B 7 14.15 -11.17 3.45
C SER B 7 14.15 -11.40 4.97
N GLY B 8 13.66 -12.55 5.38
CA GLY B 8 13.63 -12.91 6.80
C GLY B 8 12.37 -12.53 7.56
N GLY B 9 11.49 -11.74 6.94
CA GLY B 9 10.19 -11.36 7.52
C GLY B 9 9.22 -12.53 7.41
N GLY B 10 7.99 -12.32 7.82
CA GLY B 10 6.98 -13.38 7.75
C GLY B 10 6.18 -13.51 9.02
N LEU B 11 5.38 -14.58 9.11
CA LEU B 11 4.52 -14.87 10.26
C LEU B 11 5.41 -15.44 11.35
N VAL B 12 5.17 -15.00 12.58
CA VAL B 12 5.84 -15.44 13.81
C VAL B 12 4.80 -15.34 14.94
N GLN B 13 4.85 -16.25 15.88
CA GLN B 13 3.88 -16.21 16.97
C GLN B 13 4.33 -15.21 18.02
N PRO B 14 3.40 -14.65 18.81
CA PRO B 14 3.81 -13.72 19.87
C PRO B 14 4.81 -14.36 20.86
N GLY B 15 5.89 -13.64 21.13
CA GLY B 15 6.96 -14.09 22.02
C GLY B 15 8.10 -14.74 21.26
N GLY B 16 7.93 -14.86 19.95
CA GLY B 16 8.89 -15.48 19.06
C GLY B 16 10.01 -14.59 18.57
N SER B 17 10.74 -15.10 17.57
CA SER B 17 11.90 -14.46 17.00
C SER B 17 11.89 -14.50 15.50
N LEU B 18 12.55 -13.51 14.90
CA LEU B 18 12.75 -13.33 13.47
C LEU B 18 14.10 -12.63 13.25
N LYS B 19 14.75 -12.94 12.14
CA LYS B 19 16.02 -12.34 11.74
C LYS B 19 15.86 -11.77 10.32
N LEU B 20 15.82 -10.45 10.18
CA LEU B 20 15.66 -9.80 8.87
C LEU B 20 17.03 -9.62 8.21
N SER B 21 17.10 -9.92 6.90
CA SER B 21 18.32 -9.78 6.10
C SER B 21 18.19 -8.63 5.14
N CYS B 22 19.28 -7.90 4.94
CA CYS B 22 19.34 -6.80 3.99
C CYS B 22 20.61 -7.04 3.20
N ALA B 23 20.47 -7.69 2.05
CA ALA B 23 21.59 -8.06 1.15
C ALA B 23 21.88 -6.93 0.15
N ALA B 24 23.10 -6.40 0.18
CA ALA B 24 23.49 -5.36 -0.78
C ALA B 24 24.19 -5.97 -2.01
N SER B 25 23.89 -5.42 -3.19
CA SER B 25 24.51 -5.79 -4.47
C SER B 25 25.03 -4.51 -5.11
N GLY B 26 26.21 -4.57 -5.73
CA GLY B 26 26.82 -3.42 -6.39
C GLY B 26 27.63 -2.45 -5.53
N PHE B 27 27.60 -2.59 -4.19
CA PHE B 27 28.37 -1.72 -3.29
C PHE B 27 28.64 -2.43 -1.97
N THR B 28 29.72 -2.01 -1.27
CA THR B 28 30.17 -2.61 -0.01
C THR B 28 29.51 -1.96 1.22
N LEU B 29 28.72 -2.75 2.00
CA LEU B 29 27.99 -2.33 3.22
C LEU B 29 28.85 -1.83 4.37
N SER B 30 30.09 -2.34 4.51
CA SER B 30 31.03 -1.96 5.57
C SER B 30 31.38 -0.46 5.53
N GLY B 31 31.20 0.16 4.38
CA GLY B 31 31.47 1.58 4.18
C GLY B 31 30.25 2.46 4.40
N SER B 32 29.05 1.85 4.53
CA SER B 32 27.78 2.56 4.73
C SER B 32 27.25 2.39 6.15
N ASN B 33 26.31 3.29 6.56
CA ASN B 33 25.56 3.16 7.80
C ASN B 33 24.21 2.55 7.38
N VAL B 34 23.81 1.42 8.04
CA VAL B 34 22.59 0.66 7.73
C VAL B 34 21.58 0.89 8.86
N HIS B 35 20.42 1.42 8.47
CA HIS B 35 19.31 1.70 9.36
C HIS B 35 18.14 0.80 9.06
N TRP B 36 17.31 0.57 10.07
CA TRP B 36 16.08 -0.17 9.98
C TRP B 36 14.95 0.76 10.43
N VAL B 37 13.88 0.86 9.61
CA VAL B 37 12.68 1.68 9.87
C VAL B 37 11.48 0.82 9.64
N ARG B 38 10.50 0.84 10.55
CA ARG B 38 9.28 0.07 10.39
C ARG B 38 8.03 0.94 10.14
N GLN B 39 6.99 0.36 9.54
CA GLN B 39 5.74 1.06 9.27
C GLN B 39 4.61 0.06 9.41
N ALA B 40 3.68 0.32 10.35
CA ALA B 40 2.50 -0.52 10.55
C ALA B 40 1.50 -0.07 9.49
N SER B 41 0.66 -1.00 9.02
CA SER B 41 -0.32 -0.74 7.97
C SER B 41 -1.16 0.52 8.21
N GLY B 42 -1.03 1.50 7.31
CA GLY B 42 -1.72 2.78 7.36
C GLY B 42 -1.16 3.75 8.39
N LYS B 43 0.12 3.55 8.74
CA LYS B 43 0.78 4.37 9.77
C LYS B 43 1.99 5.11 9.24
N GLY B 44 2.68 5.80 10.15
CA GLY B 44 3.85 6.59 9.86
C GLY B 44 5.11 5.78 9.98
N LEU B 45 6.22 6.45 9.95
CA LEU B 45 7.54 5.84 10.00
C LEU B 45 8.17 5.86 11.41
N GLU B 46 8.80 4.73 11.80
CA GLU B 46 9.45 4.57 13.09
C GLU B 46 10.78 3.89 12.96
N TRP B 47 11.86 4.64 13.27
CA TRP B 47 13.23 4.15 13.28
C TRP B 47 13.39 3.09 14.36
N VAL B 48 14.08 2.02 14.04
CA VAL B 48 14.23 0.90 14.92
C VAL B 48 15.66 0.87 15.45
N GLY B 49 16.61 1.07 14.56
CA GLY B 49 18.03 1.06 14.91
C GLY B 49 18.95 1.20 13.73
N ARG B 50 20.26 1.18 14.00
CA ARG B 50 21.30 1.25 12.99
C ARG B 50 22.61 0.64 13.43
N ILE B 51 23.47 0.34 12.43
CA ILE B 51 24.85 -0.11 12.56
C ILE B 51 25.71 0.80 11.67
N LYS B 52 26.65 1.53 12.28
CA LYS B 52 27.53 2.42 11.55
C LYS B 52 28.57 1.62 10.75
N ARG B 53 29.24 2.31 9.81
CA ARG B 53 30.28 1.77 8.93
C ARG B 53 31.47 1.29 9.74
N ASN B 54 32.42 0.57 9.11
CA ASN B 54 33.65 0.10 9.75
C ASN B 54 34.47 1.28 10.38
N ALA B 55 34.63 2.38 9.61
CA ALA B 55 35.35 3.61 10.00
C ALA B 55 34.68 4.34 11.17
N GLU B 56 33.47 3.89 11.55
CA GLU B 56 32.67 4.45 12.65
C GLU B 56 32.40 3.38 13.71
N SER B 57 33.40 2.51 13.86
CA SER B 57 33.51 1.42 14.84
C SER B 57 32.35 0.42 14.88
N ASP B 58 31.60 0.26 13.76
CA ASP B 58 30.42 -0.65 13.65
C ASP B 58 29.47 -0.44 14.84
N ALA B 59 29.31 0.83 15.24
CA ALA B 59 28.54 1.26 16.39
C ALA B 59 27.06 1.10 16.14
N THR B 60 26.37 0.50 17.12
CA THR B 60 24.95 0.22 17.05
C THR B 60 24.17 1.06 18.05
N ALA B 61 22.96 1.50 17.63
CA ALA B 61 21.97 2.24 18.41
C ALA B 61 20.60 1.58 18.12
N TYR B 62 19.66 1.66 19.10
CA TYR B 62 18.33 1.07 18.97
C TYR B 62 17.23 1.98 19.53
N ALA B 63 15.99 1.82 19.05
CA ALA B 63 14.83 2.56 19.52
C ALA B 63 14.48 2.12 20.94
N ALA B 64 14.05 3.07 21.78
CA ALA B 64 13.63 2.86 23.16
C ALA B 64 12.47 1.84 23.22
N SER B 65 11.51 1.92 22.27
CA SER B 65 10.35 1.02 22.16
C SER B 65 10.76 -0.45 21.98
N MET B 66 11.91 -0.68 21.30
CA MET B 66 12.51 -1.97 20.98
C MET B 66 13.63 -2.30 21.98
N ARG B 67 13.42 -1.96 23.26
CA ARG B 67 14.36 -2.13 24.37
C ARG B 67 14.87 -3.55 24.67
N GLY B 68 16.18 -3.74 24.45
CA GLY B 68 16.91 -4.99 24.70
C GLY B 68 16.46 -6.21 23.93
N ARG B 69 15.63 -5.99 22.89
CA ARG B 69 15.08 -7.07 22.07
C ARG B 69 15.72 -7.13 20.68
N LEU B 70 16.55 -6.12 20.34
CA LEU B 70 17.21 -6.02 19.03
C LEU B 70 18.69 -6.24 19.06
N THR B 71 19.17 -6.83 17.97
CA THR B 71 20.54 -7.11 17.68
C THR B 71 20.76 -6.85 16.19
N ILE B 72 21.39 -5.74 15.86
CA ILE B 72 21.75 -5.40 14.47
C ILE B 72 23.23 -5.81 14.29
N SER B 73 23.52 -6.46 13.17
CA SER B 73 24.86 -6.91 12.86
C SER B 73 25.10 -6.86 11.35
N ARG B 74 26.33 -7.17 10.93
CA ARG B 74 26.72 -7.24 9.54
C ARG B 74 27.60 -8.44 9.32
N ASP B 75 27.38 -9.14 8.22
CA ASP B 75 28.24 -10.21 7.76
C ASP B 75 28.86 -9.54 6.56
N ASP B 76 30.08 -9.03 6.74
CA ASP B 76 30.79 -8.39 5.64
C ASP B 76 31.20 -9.37 4.52
N SER B 77 31.23 -10.69 4.85
CA SER B 77 31.53 -11.76 3.88
C SER B 77 30.30 -12.02 2.97
N LYS B 78 29.08 -11.87 3.52
CA LYS B 78 27.83 -12.03 2.79
C LYS B 78 27.43 -10.69 2.18
N ASN B 79 28.04 -9.59 2.66
CA ASN B 79 27.73 -8.20 2.32
C ASN B 79 26.26 -7.94 2.72
N THR B 80 25.90 -8.46 3.89
CA THR B 80 24.53 -8.43 4.41
C THR B 80 24.45 -7.86 5.79
N ALA B 81 23.42 -7.06 6.03
CA ALA B 81 23.10 -6.53 7.36
C ALA B 81 21.90 -7.36 7.93
N PHE B 82 21.89 -7.56 9.25
CA PHE B 82 20.81 -8.33 9.88
C PHE B 82 20.18 -7.67 11.08
N LEU B 83 18.86 -7.82 11.23
CA LEU B 83 18.14 -7.32 12.38
C LEU B 83 17.43 -8.50 13.04
N GLN B 84 18.00 -8.96 14.17
CA GLN B 84 17.49 -10.04 15.03
C GLN B 84 16.54 -9.38 16.07
N MET B 85 15.27 -9.84 16.10
CA MET B 85 14.23 -9.32 16.99
C MET B 85 13.70 -10.46 17.84
N ASN B 86 13.74 -10.29 19.15
CA ASN B 86 13.33 -11.34 20.11
C ASN B 86 12.10 -10.90 20.87
N SER B 87 11.39 -11.87 21.51
CA SER B 87 10.23 -11.61 22.37
C SER B 87 9.23 -10.63 21.72
N LEU B 88 8.85 -10.93 20.48
CA LEU B 88 7.95 -10.10 19.68
C LEU B 88 6.55 -10.08 20.25
N LYS B 89 5.86 -8.97 20.02
CA LYS B 89 4.48 -8.72 20.41
C LYS B 89 3.72 -8.20 19.20
N SER B 90 2.37 -8.33 19.20
CA SER B 90 1.47 -7.90 18.12
C SER B 90 1.73 -6.47 17.59
N ASP B 91 2.28 -5.59 18.47
CA ASP B 91 2.66 -4.19 18.25
C ASP B 91 3.91 -4.07 17.36
N ASP B 92 4.60 -5.18 17.12
CA ASP B 92 5.77 -5.24 16.28
C ASP B 92 5.38 -5.56 14.82
N THR B 93 4.09 -5.92 14.58
CA THR B 93 3.54 -6.20 13.25
C THR B 93 3.70 -4.93 12.42
N ALA B 94 4.40 -5.04 11.28
CA ALA B 94 4.76 -3.92 10.42
C ALA B 94 5.62 -4.33 9.22
N MET B 95 5.77 -3.42 8.26
CA MET B 95 6.70 -3.55 7.14
C MET B 95 8.04 -2.97 7.66
N TYR B 96 9.12 -3.74 7.57
CA TYR B 96 10.45 -3.35 8.05
C TYR B 96 11.33 -3.00 6.84
N TYR B 97 11.87 -1.79 6.82
CA TYR B 97 12.69 -1.25 5.75
C TYR B 97 14.15 -1.14 6.16
N CYS B 98 14.99 -1.42 5.21
CA CYS B 98 16.41 -1.29 5.34
C CYS B 98 16.73 0.00 4.58
N VAL B 99 17.42 0.95 5.25
CA VAL B 99 17.78 2.26 4.68
C VAL B 99 19.31 2.42 4.68
N ILE B 100 19.87 2.80 3.52
CA ILE B 100 21.31 3.03 3.40
C ILE B 100 21.65 4.51 3.58
N ARG B 101 22.62 4.77 4.43
CA ARG B 101 23.15 6.09 4.57
C ARG B 101 24.64 6.02 4.21
N GLY B 102 24.96 6.28 2.93
CA GLY B 102 26.33 6.24 2.40
C GLY B 102 26.52 6.84 1.01
N ASP B 103 27.71 6.61 0.37
CA ASP B 103 27.99 7.12 -1.00
C ASP B 103 26.98 6.61 -2.04
N VAL B 104 26.70 5.29 -2.00
CA VAL B 104 25.78 4.62 -2.91
C VAL B 104 24.46 4.35 -2.18
N TYR B 105 23.34 4.41 -2.94
CA TYR B 105 21.95 4.20 -2.49
C TYR B 105 21.64 5.11 -1.27
N ASN B 106 22.18 6.35 -1.29
CA ASN B 106 22.10 7.35 -0.24
C ASN B 106 20.69 7.77 0.11
N ARG B 107 20.30 7.50 1.36
CA ARG B 107 18.98 7.80 1.97
C ARG B 107 17.87 7.07 1.23
N GLN B 108 18.25 6.00 0.52
CA GLN B 108 17.34 5.14 -0.26
C GLN B 108 16.98 3.89 0.51
N TRP B 109 15.73 3.46 0.32
CA TRP B 109 15.10 2.39 1.06
C TRP B 109 14.94 1.15 0.24
N GLY B 110 14.92 0.01 0.93
CA GLY B 110 14.64 -1.27 0.29
C GLY B 110 13.14 -1.37 0.08
N GLN B 111 12.69 -2.43 -0.61
CA GLN B 111 11.26 -2.67 -0.84
C GLN B 111 10.53 -3.10 0.45
N GLY B 112 11.30 -3.49 1.47
CA GLY B 112 10.78 -3.89 2.75
C GLY B 112 10.35 -5.35 2.83
N THR B 113 10.22 -5.83 4.09
CA THR B 113 9.75 -7.16 4.40
C THR B 113 8.75 -7.08 5.57
N LEU B 114 7.55 -7.67 5.36
CA LEU B 114 6.46 -7.70 6.32
C LEU B 114 6.62 -8.75 7.40
N VAL B 115 6.55 -8.31 8.64
CA VAL B 115 6.59 -9.11 9.85
C VAL B 115 5.15 -9.13 10.43
N THR B 116 4.60 -10.31 10.67
CA THR B 116 3.27 -10.47 11.26
C THR B 116 3.41 -11.27 12.53
N VAL B 117 3.06 -10.66 13.65
CA VAL B 117 3.14 -11.31 14.95
C VAL B 117 1.70 -11.64 15.31
N SER B 118 1.35 -12.90 15.12
CA SER B 118 0.00 -13.43 15.36
C SER B 118 0.05 -14.88 15.76
N SER B 119 -1.04 -15.30 16.39
CA SER B 119 -1.30 -16.67 16.86
C SER B 119 -1.98 -17.49 15.77
N ALA B 120 -2.50 -16.82 14.76
CA ALA B 120 -3.21 -17.44 13.64
C ALA B 120 -2.22 -18.16 12.74
N SER B 121 -2.71 -19.19 12.05
CA SER B 121 -1.90 -20.03 11.18
C SER B 121 -2.02 -19.57 9.77
N THR B 122 -1.00 -19.90 8.97
CA THR B 122 -1.00 -19.57 7.56
C THR B 122 -2.04 -20.36 6.80
N LYS B 123 -2.70 -19.70 5.86
CA LYS B 123 -3.69 -20.27 5.00
C LYS B 123 -3.55 -19.70 3.65
N GLY B 124 -3.41 -20.57 2.68
CA GLY B 124 -3.35 -20.18 1.29
C GLY B 124 -4.72 -19.82 0.79
N PRO B 125 -4.77 -18.90 -0.19
CA PRO B 125 -6.07 -18.45 -0.69
C PRO B 125 -6.74 -19.34 -1.72
N SER B 126 -8.04 -19.11 -1.88
CA SER B 126 -8.88 -19.64 -2.94
C SER B 126 -8.93 -18.49 -3.96
N VAL B 127 -8.77 -18.84 -5.21
CA VAL B 127 -8.74 -17.86 -6.30
C VAL B 127 -9.96 -18.16 -7.18
N PHE B 128 -10.88 -17.20 -7.24
CA PHE B 128 -12.11 -17.37 -8.01
C PHE B 128 -12.16 -16.32 -9.09
N PRO B 129 -12.67 -16.64 -10.31
CA PRO B 129 -12.71 -15.59 -11.35
C PRO B 129 -13.92 -14.71 -11.16
N LEU B 130 -13.76 -13.46 -11.53
CA LEU B 130 -14.84 -12.50 -11.60
C LEU B 130 -15.01 -12.34 -13.13
N ALA B 131 -15.89 -13.17 -13.68
CA ALA B 131 -16.13 -13.23 -15.13
C ALA B 131 -16.79 -12.00 -15.72
N PRO B 132 -16.25 -11.51 -16.87
CA PRO B 132 -16.94 -10.43 -17.58
C PRO B 132 -18.27 -10.95 -18.16
N SER B 133 -19.30 -10.10 -18.14
CA SER B 133 -20.65 -10.41 -18.64
C SER B 133 -21.35 -9.08 -18.87
N SER B 134 -22.60 -9.11 -19.38
CA SER B 134 -23.43 -7.92 -19.61
C SER B 134 -23.45 -6.98 -18.36
N LYS B 135 -23.59 -7.55 -17.14
CA LYS B 135 -23.60 -6.80 -15.86
C LYS B 135 -22.27 -6.11 -15.49
N SER B 136 -21.17 -6.56 -16.13
CA SER B 136 -19.84 -5.96 -15.95
C SER B 136 -19.37 -5.28 -17.26
N THR B 137 -20.30 -4.95 -18.17
CA THR B 137 -19.99 -4.24 -19.43
C THR B 137 -20.83 -2.96 -19.50
N SER B 138 -20.18 -1.79 -19.31
CA SER B 138 -20.83 -0.46 -19.41
C SER B 138 -20.20 0.31 -20.58
N GLY B 139 -21.01 0.52 -21.62
CA GLY B 139 -20.59 1.18 -22.84
C GLY B 139 -19.81 0.18 -23.66
N GLY B 140 -18.64 0.59 -24.14
CA GLY B 140 -17.71 -0.26 -24.90
C GLY B 140 -16.58 -0.78 -24.03
N THR B 141 -16.81 -0.82 -22.70
CA THR B 141 -15.83 -1.27 -21.73
C THR B 141 -16.38 -2.42 -20.92
N ALA B 142 -15.53 -3.43 -20.64
CA ALA B 142 -15.85 -4.58 -19.82
C ALA B 142 -14.94 -4.60 -18.62
N ALA B 143 -15.43 -5.15 -17.52
CA ALA B 143 -14.61 -5.34 -16.33
C ALA B 143 -14.62 -6.82 -16.00
N LEU B 144 -13.47 -7.29 -15.51
CA LEU B 144 -13.22 -8.66 -15.09
C LEU B 144 -12.20 -8.64 -13.96
N GLY B 145 -12.11 -9.73 -13.22
CA GLY B 145 -11.13 -9.81 -12.16
C GLY B 145 -10.94 -11.18 -11.54
N CYS B 146 -10.23 -11.19 -10.44
CA CYS B 146 -9.98 -12.33 -9.62
C CYS B 146 -10.26 -11.99 -8.18
N LEU B 147 -11.02 -12.84 -7.51
CA LEU B 147 -11.31 -12.77 -6.08
C LEU B 147 -10.31 -13.69 -5.36
N VAL B 148 -9.41 -13.09 -4.55
CA VAL B 148 -8.37 -13.80 -3.78
C VAL B 148 -8.88 -13.83 -2.35
N LYS B 149 -9.48 -14.96 -1.97
CA LYS B 149 -10.19 -15.13 -0.73
C LYS B 149 -9.60 -16.06 0.29
N ASP B 150 -9.83 -15.72 1.58
CA ASP B 150 -9.52 -16.52 2.77
C ASP B 150 -8.06 -16.95 2.92
N TYR B 151 -7.16 -15.97 3.07
CA TYR B 151 -5.74 -16.22 3.24
C TYR B 151 -5.17 -15.53 4.43
N PHE B 152 -4.06 -16.06 4.93
CA PHE B 152 -3.33 -15.49 6.06
C PHE B 152 -1.92 -15.98 6.02
N PRO B 153 -0.92 -15.10 6.26
CA PRO B 153 -1.04 -13.65 6.47
C PRO B 153 -1.00 -12.90 5.15
N GLU B 154 -0.75 -11.60 5.26
CA GLU B 154 -0.48 -10.73 4.13
C GLU B 154 1.01 -10.99 3.83
N PRO B 155 1.53 -10.77 2.61
CA PRO B 155 0.86 -10.26 1.41
C PRO B 155 0.55 -11.33 0.35
N VAL B 156 -0.26 -10.91 -0.62
CA VAL B 156 -0.59 -11.61 -1.86
C VAL B 156 -0.13 -10.65 -3.00
N THR B 157 0.45 -11.16 -4.10
CA THR B 157 0.77 -10.31 -5.25
C THR B 157 -0.11 -10.77 -6.39
N VAL B 158 -0.72 -9.81 -7.11
CA VAL B 158 -1.53 -10.15 -8.24
C VAL B 158 -1.02 -9.41 -9.47
N SER B 159 -0.71 -10.17 -10.52
CA SER B 159 -0.37 -9.55 -11.81
C SER B 159 -1.40 -10.04 -12.85
N TRP B 160 -1.42 -9.38 -14.01
CA TRP B 160 -2.30 -9.78 -15.12
C TRP B 160 -1.48 -10.08 -16.36
N ASN B 161 -1.74 -11.26 -16.98
CA ASN B 161 -1.08 -11.72 -18.19
C ASN B 161 0.45 -11.67 -18.06
N SER B 162 0.97 -12.11 -16.89
CA SER B 162 2.39 -12.18 -16.49
C SER B 162 3.09 -10.84 -16.63
N GLY B 163 2.46 -9.80 -16.09
CA GLY B 163 2.96 -8.42 -16.17
C GLY B 163 2.71 -7.67 -17.45
N ALA B 164 2.14 -8.31 -18.49
CA ALA B 164 1.89 -7.65 -19.79
C ALA B 164 0.64 -6.78 -19.80
N LEU B 165 -0.19 -6.93 -18.75
CA LEU B 165 -1.42 -6.17 -18.59
C LEU B 165 -1.30 -5.38 -17.31
N THR B 166 -1.20 -4.06 -17.43
CA THR B 166 -1.02 -3.12 -16.32
C THR B 166 -2.04 -1.98 -16.37
N SER B 167 -2.32 -1.50 -17.59
CA SER B 167 -3.28 -0.43 -17.86
C SER B 167 -4.70 -0.89 -17.53
N GLY B 168 -5.31 -0.18 -16.59
CA GLY B 168 -6.69 -0.42 -16.14
C GLY B 168 -6.82 -1.35 -14.95
N VAL B 169 -5.67 -1.77 -14.36
CA VAL B 169 -5.60 -2.71 -13.24
C VAL B 169 -5.76 -2.00 -11.92
N HIS B 170 -6.58 -2.58 -11.04
CA HIS B 170 -6.75 -2.14 -9.67
C HIS B 170 -6.75 -3.34 -8.79
N THR B 171 -5.63 -3.53 -8.03
CA THR B 171 -5.56 -4.57 -7.00
C THR B 171 -5.91 -3.86 -5.72
N PHE B 172 -7.06 -4.21 -5.15
CA PHE B 172 -7.59 -3.58 -3.95
C PHE B 172 -6.86 -3.96 -2.68
N PRO B 173 -6.71 -3.03 -1.71
CA PRO B 173 -6.13 -3.44 -0.42
C PRO B 173 -6.96 -4.59 0.20
N ALA B 174 -6.30 -5.57 0.82
CA ALA B 174 -7.02 -6.69 1.45
C ALA B 174 -7.81 -6.19 2.63
N VAL B 175 -8.96 -6.83 2.93
CA VAL B 175 -9.77 -6.53 4.10
C VAL B 175 -9.63 -7.76 4.97
N LEU B 176 -9.59 -7.56 6.27
CA LEU B 176 -9.59 -8.64 7.23
C LEU B 176 -11.06 -8.97 7.45
N GLN B 177 -11.43 -10.21 7.18
CA GLN B 177 -12.81 -10.64 7.38
C GLN B 177 -13.03 -11.02 8.87
N SER B 178 -14.30 -11.13 9.30
CA SER B 178 -14.69 -11.53 10.66
C SER B 178 -14.06 -12.89 11.07
N SER B 179 -13.70 -13.73 10.07
CA SER B 179 -13.03 -15.02 10.23
C SER B 179 -11.55 -14.89 10.65
N GLY B 180 -10.97 -13.70 10.47
CA GLY B 180 -9.55 -13.42 10.74
C GLY B 180 -8.69 -13.73 9.52
N LEU B 181 -9.34 -13.95 8.37
CA LEU B 181 -8.69 -14.26 7.09
C LEU B 181 -8.84 -13.08 6.17
N TYR B 182 -7.80 -12.77 5.38
CA TYR B 182 -7.92 -11.63 4.47
C TYR B 182 -8.58 -12.03 3.15
N SER B 183 -9.07 -11.02 2.45
CA SER B 183 -9.68 -11.20 1.14
C SER B 183 -9.45 -9.95 0.29
N LEU B 184 -9.10 -10.14 -0.98
CA LEU B 184 -8.98 -9.00 -1.91
C LEU B 184 -9.56 -9.30 -3.27
N SER B 185 -9.86 -8.25 -4.02
CA SER B 185 -10.22 -8.40 -5.43
C SER B 185 -9.17 -7.67 -6.27
N SER B 186 -8.87 -8.18 -7.44
CA SER B 186 -8.00 -7.52 -8.42
C SER B 186 -8.85 -7.47 -9.69
N VAL B 187 -9.05 -6.26 -10.24
CA VAL B 187 -9.88 -6.04 -11.42
C VAL B 187 -9.13 -5.34 -12.57
N VAL B 188 -9.67 -5.48 -13.78
CA VAL B 188 -9.18 -4.81 -14.99
C VAL B 188 -10.35 -4.39 -15.82
N THR B 189 -10.31 -3.15 -16.32
CA THR B 189 -11.29 -2.73 -17.32
C THR B 189 -10.51 -2.82 -18.64
N VAL B 190 -11.13 -3.42 -19.64
CA VAL B 190 -10.52 -3.67 -20.94
C VAL B 190 -11.55 -3.32 -22.02
N PRO B 191 -11.21 -3.23 -23.33
CA PRO B 191 -12.27 -3.00 -24.32
C PRO B 191 -13.20 -4.24 -24.43
N SER B 192 -14.51 -4.04 -24.49
CA SER B 192 -15.47 -5.16 -24.64
C SER B 192 -15.31 -5.91 -25.97
N SER B 193 -14.77 -5.26 -27.01
CA SER B 193 -14.51 -5.86 -28.35
C SER B 193 -13.38 -6.91 -28.33
N SER B 194 -12.58 -6.95 -27.26
CA SER B 194 -11.45 -7.87 -27.09
C SER B 194 -11.84 -9.16 -26.33
N LEU B 195 -13.01 -9.17 -25.68
CA LEU B 195 -13.45 -10.29 -24.85
C LEU B 195 -13.40 -11.70 -25.41
N GLY B 196 -13.68 -11.86 -26.69
CA GLY B 196 -13.64 -13.19 -27.30
C GLY B 196 -12.29 -13.63 -27.82
N THR B 197 -11.36 -12.69 -28.10
CA THR B 197 -10.06 -13.05 -28.67
C THR B 197 -8.88 -12.95 -27.72
N GLN B 198 -8.89 -11.93 -26.85
CA GLN B 198 -7.83 -11.66 -25.89
C GLN B 198 -8.06 -12.47 -24.63
N THR B 199 -7.00 -13.16 -24.18
CA THR B 199 -6.95 -14.00 -22.98
C THR B 199 -6.52 -13.17 -21.78
N TYR B 200 -7.19 -13.38 -20.65
CA TYR B 200 -6.93 -12.64 -19.44
C TYR B 200 -6.71 -13.62 -18.30
N ILE B 201 -5.45 -13.71 -17.84
CA ILE B 201 -5.02 -14.59 -16.76
C ILE B 201 -4.50 -13.72 -15.63
N CYS B 202 -4.96 -14.00 -14.42
CA CYS B 202 -4.46 -13.36 -13.26
C CYS B 202 -3.48 -14.31 -12.56
N ASN B 203 -2.34 -13.75 -12.18
CA ASN B 203 -1.23 -14.45 -11.55
C ASN B 203 -1.13 -14.07 -10.10
N VAL B 204 -1.71 -14.91 -9.26
CA VAL B 204 -1.75 -14.76 -7.82
C VAL B 204 -0.62 -15.57 -7.19
N ASN B 205 0.11 -14.94 -6.26
CA ASN B 205 1.15 -15.62 -5.50
C ASN B 205 1.04 -15.16 -4.06
N HIS B 206 0.83 -16.14 -3.15
CA HIS B 206 0.83 -16.02 -1.70
C HIS B 206 2.05 -16.80 -1.20
N LYS B 207 3.21 -16.14 -1.18
CA LYS B 207 4.48 -16.75 -0.74
C LYS B 207 4.43 -17.38 0.67
N PRO B 208 3.74 -16.78 1.71
CA PRO B 208 3.72 -17.44 3.03
C PRO B 208 3.26 -18.89 3.02
N SER B 209 2.36 -19.26 2.07
CA SER B 209 1.81 -20.61 1.97
C SER B 209 2.24 -21.35 0.71
N ASN B 210 3.20 -20.78 -0.07
CA ASN B 210 3.68 -21.38 -1.33
C ASN B 210 2.50 -21.69 -2.28
N THR B 211 1.57 -20.72 -2.42
CA THR B 211 0.42 -20.85 -3.30
C THR B 211 0.67 -19.90 -4.46
N LYS B 212 0.72 -20.43 -5.66
CA LYS B 212 0.95 -19.69 -6.88
C LYS B 212 -0.09 -20.25 -7.81
N VAL B 213 -0.98 -19.40 -8.34
CA VAL B 213 -2.07 -19.82 -9.21
C VAL B 213 -2.15 -18.90 -10.41
N ASP B 214 -2.20 -19.49 -11.61
CA ASP B 214 -2.44 -18.77 -12.88
C ASP B 214 -3.92 -19.07 -13.26
N LYS B 215 -4.82 -18.11 -13.04
CA LYS B 215 -6.24 -18.27 -13.29
C LYS B 215 -6.77 -17.62 -14.55
N ARG B 216 -7.33 -18.43 -15.45
CA ARG B 216 -7.93 -17.85 -16.65
C ARG B 216 -9.39 -17.40 -16.35
N VAL B 217 -9.68 -16.11 -16.64
CA VAL B 217 -11.00 -15.48 -16.45
C VAL B 217 -11.64 -15.41 -17.84
N GLU B 218 -12.69 -16.19 -18.03
CA GLU B 218 -13.39 -16.29 -19.32
C GLU B 218 -14.73 -15.57 -19.26
N PRO B 219 -15.24 -14.98 -20.37
CA PRO B 219 -16.58 -14.34 -20.32
C PRO B 219 -17.75 -15.31 -20.12
N LYS B 220 -18.99 -14.82 -20.36
CA LYS B 220 -20.28 -15.54 -20.25
C LYS B 220 -20.60 -15.77 -18.79
#